data_1OHD
#
_entry.id   1OHD
#
_cell.length_a   114.750
_cell.length_b   51.950
_cell.length_c   64.998
_cell.angle_alpha   90.00
_cell.angle_beta   118.57
_cell.angle_gamma   90.00
#
_symmetry.space_group_name_H-M   'C 1 2 1'
#
loop_
_entity.id
_entity.type
_entity.pdbx_description
1 polymer 'CDC14B2 PHOSPHATASE'
2 non-polymer TUNGSTATE(VI)ION
3 water water
#
_entity_poly.entity_id   1
_entity_poly.type   'polypeptide(L)'
_entity_poly.pdbx_seq_one_letter_code
;PRRRDPQDDVYLDITDRLCFAILYSRPKSASNVHYFSIDNELEYENFYADFGPLNLAMVYRYCCKINKKLKSITMLRKKI
VHFTGSDQRKQANAAFLVGCYMVIYLGRTPEEAYRILIFGETSYIPFRDAAYGSCNFYITLLDCFHAVKKAMQYGFLNFN
SFNLDEYEHYEKAENGDLNWIIPDRFIAFCGPHSRARLESGYHQHSPETYIQYFKNHNVTTIIRLNKRMYDAKRFTDAGF
DHHDLFFADGSTPTDAIVKEFLDICENAEGAIAVHCKAGLGRTGTLIACYIMKHYRMTAAETIAWVRICRPGSVIGPQQQ
FLVMKQTNLWLEGDYFRQKLKGQENGQH
;
_entity_poly.pdbx_strand_id   A
#
loop_
_chem_comp.id
_chem_comp.type
_chem_comp.name
_chem_comp.formula
WO4 non-polymer TUNGSTATE(VI)ION 'O4 W -2'
#
# COMPACT_ATOMS: atom_id res chain seq x y z
N ARG A 4 -21.95 0.21 -18.74
CA ARG A 4 -22.05 -1.27 -18.86
C ARG A 4 -22.25 -1.67 -20.32
N ASP A 5 -22.05 -0.73 -21.24
CA ASP A 5 -22.23 -1.00 -22.66
C ASP A 5 -21.14 -0.29 -23.47
N PRO A 6 -20.80 -0.82 -24.66
CA PRO A 6 -19.78 -0.23 -25.53
C PRO A 6 -20.09 1.19 -25.97
N GLN A 7 -21.17 1.75 -25.44
CA GLN A 7 -21.58 3.11 -25.75
C GLN A 7 -20.78 3.96 -24.77
N ASP A 8 -20.45 3.34 -23.65
CA ASP A 8 -19.71 4.00 -22.59
C ASP A 8 -18.19 3.91 -22.80
N ASP A 9 -17.77 3.42 -23.96
CA ASP A 9 -16.35 3.33 -24.26
C ASP A 9 -15.74 4.74 -24.19
N VAL A 10 -14.46 4.83 -23.87
CA VAL A 10 -13.83 6.14 -23.76
C VAL A 10 -12.31 6.08 -23.89
N TYR A 11 -11.75 7.03 -24.64
CA TYR A 11 -10.31 7.13 -24.83
C TYR A 11 -9.85 8.44 -24.23
N LEU A 12 -8.80 8.38 -23.43
CA LEU A 12 -8.27 9.56 -22.77
C LEU A 12 -6.77 9.66 -23.02
N ASP A 13 -6.34 10.80 -23.52
CA ASP A 13 -4.93 11.01 -23.79
C ASP A 13 -4.17 11.33 -22.51
N ILE A 14 -3.01 10.70 -22.36
CA ILE A 14 -2.20 10.93 -21.19
C ILE A 14 -1.02 11.77 -21.66
N THR A 15 -0.41 11.35 -22.76
CA THR A 15 0.70 12.07 -23.38
C THR A 15 0.43 11.99 -24.88
N ASP A 16 1.19 12.71 -25.69
CA ASP A 16 0.94 12.66 -27.13
C ASP A 16 1.17 11.29 -27.73
N ARG A 17 1.67 10.35 -26.93
CA ARG A 17 1.92 8.99 -27.41
C ARG A 17 1.23 7.94 -26.56
N LEU A 18 0.89 8.32 -25.34
CA LEU A 18 0.25 7.39 -24.43
C LEU A 18 -1.23 7.70 -24.24
N CYS A 19 -2.04 6.68 -24.48
CA CYS A 19 -3.48 6.80 -24.35
C CYS A 19 -4.06 5.74 -23.41
N PHE A 20 -5.11 6.10 -22.69
CA PHE A 20 -5.79 5.20 -21.76
C PHE A 20 -7.26 4.97 -22.18
N ALA A 21 -7.66 3.72 -22.39
CA ALA A 21 -9.02 3.42 -22.81
C ALA A 21 -9.82 2.46 -21.94
N ILE A 22 -11.12 2.70 -21.83
CA ILE A 22 -12.04 1.86 -21.08
C ILE A 22 -12.99 1.27 -22.12
N LEU A 23 -12.59 0.16 -22.70
CA LEU A 23 -13.38 -0.50 -23.73
C LEU A 23 -14.35 -1.57 -23.24
N TYR A 24 -15.62 -1.39 -23.58
CA TYR A 24 -16.64 -2.35 -23.20
C TYR A 24 -16.89 -3.32 -24.33
N SER A 25 -15.94 -3.35 -25.27
CA SER A 25 -16.04 -4.25 -26.42
C SER A 25 -14.65 -4.64 -26.92
N ARG A 26 -14.60 -5.27 -28.09
CA ARG A 26 -13.34 -5.71 -28.68
C ARG A 26 -12.53 -4.51 -29.15
N PRO A 27 -11.29 -4.37 -28.63
CA PRO A 27 -10.46 -3.24 -29.05
C PRO A 27 -10.30 -3.33 -30.55
N LYS A 28 -10.49 -2.22 -31.25
CA LYS A 28 -10.33 -2.23 -32.70
C LYS A 28 -8.88 -1.86 -32.98
N SER A 29 -8.21 -2.64 -33.82
CA SER A 29 -6.82 -2.39 -34.13
C SER A 29 -6.56 -1.23 -35.11
N ALA A 30 -5.29 -1.06 -35.45
CA ALA A 30 -4.82 -0.03 -36.37
C ALA A 30 -3.32 -0.31 -36.55
N SER A 31 -2.78 -0.05 -37.74
CA SER A 31 -1.37 -0.30 -37.99
C SER A 31 -0.41 0.52 -37.14
N ASN A 32 -0.83 1.71 -36.71
CA ASN A 32 0.03 2.57 -35.91
C ASN A 32 -0.46 2.77 -34.48
N VAL A 33 -1.17 1.78 -33.95
CA VAL A 33 -1.66 1.83 -32.59
C VAL A 33 -1.40 0.49 -31.90
N HIS A 34 -0.73 0.55 -30.75
CA HIS A 34 -0.43 -0.64 -29.99
C HIS A 34 -1.34 -0.73 -28.76
N TYR A 35 -2.07 -1.82 -28.64
CA TYR A 35 -2.97 -2.02 -27.51
C TYR A 35 -2.43 -3.05 -26.53
N PHE A 36 -2.59 -2.78 -25.24
CA PHE A 36 -2.16 -3.71 -24.21
C PHE A 36 -3.01 -3.46 -22.98
N SER A 37 -3.39 -4.55 -22.31
CA SER A 37 -4.18 -4.47 -21.11
C SER A 37 -3.46 -5.18 -19.96
N ILE A 38 -3.76 -4.79 -18.72
CA ILE A 38 -3.12 -5.42 -17.58
C ILE A 38 -4.16 -6.07 -16.65
N ASP A 39 -5.41 -6.10 -17.09
CA ASP A 39 -6.48 -6.70 -16.31
C ASP A 39 -6.20 -8.14 -15.91
N ASN A 40 -5.40 -8.85 -16.71
CA ASN A 40 -5.09 -10.23 -16.40
C ASN A 40 -3.60 -10.44 -16.22
N GLU A 41 -2.89 -9.35 -15.92
CA GLU A 41 -1.45 -9.44 -15.73
C GLU A 41 -1.07 -8.92 -14.36
N LEU A 42 -1.74 -7.86 -13.91
CA LEU A 42 -1.47 -7.26 -12.61
C LEU A 42 -2.77 -7.30 -11.81
N GLU A 43 -3.14 -8.48 -11.37
CA GLU A 43 -4.36 -8.68 -10.64
C GLU A 43 -4.21 -8.58 -9.14
N TYR A 44 -5.21 -8.00 -8.51
CA TYR A 44 -5.27 -7.81 -7.07
C TYR A 44 -5.70 -9.14 -6.45
N GLU A 45 -5.09 -9.48 -5.31
CA GLU A 45 -5.46 -10.69 -4.61
C GLU A 45 -6.32 -10.19 -3.46
N ASN A 46 -7.61 -10.43 -3.57
CA ASN A 46 -8.56 -9.96 -2.58
C ASN A 46 -8.69 -10.87 -1.37
N PHE A 47 -8.94 -10.26 -0.21
CA PHE A 47 -9.13 -11.02 1.01
C PHE A 47 -10.62 -11.31 1.05
N TYR A 48 -11.42 -10.24 0.99
CA TYR A 48 -12.86 -10.38 0.99
C TYR A 48 -13.44 -9.57 -0.15
N ALA A 49 -14.24 -8.55 0.16
CA ALA A 49 -14.86 -7.72 -0.86
C ALA A 49 -13.91 -6.66 -1.43
N ASP A 50 -12.75 -6.47 -0.81
CA ASP A 50 -11.80 -5.49 -1.31
C ASP A 50 -11.40 -5.89 -2.74
N PHE A 51 -11.03 -4.91 -3.57
CA PHE A 51 -10.68 -5.18 -4.95
C PHE A 51 -9.49 -4.37 -5.45
N GLY A 52 -8.78 -3.76 -4.52
CA GLY A 52 -7.60 -2.96 -4.85
C GLY A 52 -7.43 -1.93 -3.76
N PRO A 53 -6.52 -0.94 -3.92
CA PRO A 53 -5.62 -0.68 -5.05
C PRO A 53 -4.50 -1.71 -5.18
N LEU A 54 -3.85 -1.75 -6.34
CA LEU A 54 -2.76 -2.69 -6.57
C LEU A 54 -1.57 -2.33 -5.67
N ASN A 55 -0.75 -3.32 -5.32
CA ASN A 55 0.38 -3.07 -4.44
C ASN A 55 1.58 -2.39 -5.09
N LEU A 56 2.46 -1.88 -4.23
CA LEU A 56 3.65 -1.16 -4.66
C LEU A 56 4.41 -1.82 -5.79
N ALA A 57 4.42 -3.15 -5.81
CA ALA A 57 5.15 -3.92 -6.82
C ALA A 57 4.50 -3.85 -8.17
N MET A 58 3.19 -4.10 -8.19
CA MET A 58 2.46 -4.06 -9.44
C MET A 58 2.58 -2.64 -9.99
N VAL A 59 2.51 -1.63 -9.11
CA VAL A 59 2.66 -0.28 -9.59
C VAL A 59 3.98 -0.20 -10.33
N TYR A 60 5.07 -0.61 -9.65
CA TYR A 60 6.40 -0.61 -10.24
C TYR A 60 6.46 -1.36 -11.56
N ARG A 61 5.93 -2.58 -11.59
CA ARG A 61 5.91 -3.38 -12.82
C ARG A 61 5.24 -2.62 -13.97
N TYR A 62 4.11 -1.98 -13.69
CA TYR A 62 3.38 -1.21 -14.69
C TYR A 62 4.23 -0.06 -15.24
N CYS A 63 4.77 0.75 -14.33
CA CYS A 63 5.61 1.87 -14.72
C CYS A 63 6.79 1.39 -15.57
N CYS A 64 7.21 0.14 -15.38
CA CYS A 64 8.32 -0.40 -16.16
C CYS A 64 7.85 -0.85 -17.53
N LYS A 65 6.64 -1.42 -17.58
CA LYS A 65 6.07 -1.88 -18.83
C LYS A 65 5.84 -0.69 -19.78
N ILE A 66 5.42 0.45 -19.21
CA ILE A 66 5.20 1.66 -20.00
C ILE A 66 6.50 2.17 -20.60
N ASN A 67 7.47 2.42 -19.73
CA ASN A 67 8.76 2.92 -20.19
C ASN A 67 9.39 1.97 -21.19
N LYS A 68 9.17 0.67 -21.00
CA LYS A 68 9.68 -0.34 -21.92
C LYS A 68 9.01 -0.16 -23.28
N LYS A 69 7.69 -0.08 -23.29
CA LYS A 69 6.95 0.09 -24.53
C LYS A 69 7.24 1.41 -25.26
N LEU A 70 7.40 2.50 -24.53
CA LEU A 70 7.71 3.78 -25.18
C LEU A 70 9.13 3.84 -25.74
N LYS A 71 10.05 3.06 -25.14
CA LYS A 71 11.45 3.04 -25.57
C LYS A 71 11.69 2.16 -26.78
N SER A 72 10.91 1.09 -26.94
CA SER A 72 11.11 0.16 -28.04
C SER A 72 11.13 0.86 -29.41
N ILE A 73 12.12 0.48 -30.22
CA ILE A 73 12.29 1.04 -31.55
C ILE A 73 11.34 0.41 -32.56
N THR A 74 10.66 -0.65 -32.14
CA THR A 74 9.70 -1.35 -32.99
C THR A 74 8.34 -0.62 -33.03
N MET A 75 8.17 0.39 -32.17
CA MET A 75 6.90 1.10 -32.14
C MET A 75 7.10 2.56 -31.85
N LEU A 76 8.24 3.10 -32.21
CA LEU A 76 8.45 4.52 -31.93
C LEU A 76 7.39 5.39 -32.62
N ARG A 77 6.95 4.96 -33.79
CA ARG A 77 5.93 5.71 -34.54
C ARG A 77 4.51 5.25 -34.26
N LYS A 78 4.28 4.59 -33.14
CA LYS A 78 2.94 4.13 -32.80
C LYS A 78 2.48 4.74 -31.52
N LYS A 79 1.16 4.82 -31.38
CA LYS A 79 0.58 5.35 -30.17
C LYS A 79 0.31 4.12 -29.31
N ILE A 80 0.49 4.29 -28.00
CA ILE A 80 0.31 3.21 -27.03
C ILE A 80 -0.98 3.41 -26.30
N VAL A 81 -1.82 2.38 -26.30
CA VAL A 81 -3.07 2.50 -25.59
C VAL A 81 -3.23 1.39 -24.57
N HIS A 82 -3.26 1.81 -23.31
CA HIS A 82 -3.45 0.90 -22.20
C HIS A 82 -4.97 0.82 -22.08
N PHE A 83 -5.55 -0.29 -22.50
CA PHE A 83 -6.99 -0.42 -22.39
C PHE A 83 -7.40 -1.32 -21.23
N THR A 84 -8.56 -1.04 -20.66
CA THR A 84 -9.11 -1.83 -19.57
C THR A 84 -10.50 -2.32 -20.01
N GLY A 85 -11.11 -3.23 -19.25
CA GLY A 85 -12.40 -3.77 -19.66
C GLY A 85 -13.66 -3.27 -18.98
N SER A 86 -14.71 -4.07 -19.07
CA SER A 86 -16.01 -3.73 -18.52
C SER A 86 -16.19 -3.98 -17.03
N ASP A 87 -15.15 -4.46 -16.36
CA ASP A 87 -15.27 -4.71 -14.93
C ASP A 87 -14.89 -3.44 -14.18
N GLN A 88 -15.87 -2.84 -13.52
CA GLN A 88 -15.63 -1.60 -12.80
C GLN A 88 -14.42 -1.70 -11.89
N ARG A 89 -14.27 -2.87 -11.25
CA ARG A 89 -13.16 -3.09 -10.35
C ARG A 89 -11.85 -3.02 -11.09
N LYS A 90 -11.81 -3.64 -12.26
CA LYS A 90 -10.61 -3.62 -13.08
C LYS A 90 -10.32 -2.21 -13.59
N GLN A 91 -11.38 -1.44 -13.80
CA GLN A 91 -11.27 -0.07 -14.30
C GLN A 91 -10.63 0.84 -13.28
N ALA A 92 -11.04 0.71 -12.03
CA ALA A 92 -10.48 1.52 -10.95
C ALA A 92 -8.96 1.29 -10.84
N ASN A 93 -8.54 0.02 -10.79
CA ASN A 93 -7.12 -0.30 -10.69
C ASN A 93 -6.33 0.13 -11.90
N ALA A 94 -6.88 -0.07 -13.09
CA ALA A 94 -6.18 0.33 -14.29
C ALA A 94 -5.98 1.84 -14.25
N ALA A 95 -7.05 2.55 -13.91
CA ALA A 95 -6.98 4.00 -13.82
C ALA A 95 -5.99 4.36 -12.74
N PHE A 96 -5.94 3.50 -11.71
CA PHE A 96 -5.03 3.72 -10.61
C PHE A 96 -3.58 3.70 -11.10
N LEU A 97 -3.27 2.80 -12.02
CA LEU A 97 -1.91 2.70 -12.51
C LEU A 97 -1.49 3.84 -13.44
N VAL A 98 -2.39 4.30 -14.29
CA VAL A 98 -2.08 5.40 -15.20
C VAL A 98 -1.82 6.62 -14.33
N GLY A 99 -2.67 6.76 -13.30
CA GLY A 99 -2.54 7.88 -12.38
C GLY A 99 -1.18 7.89 -11.69
N CYS A 100 -0.73 6.71 -11.28
CA CYS A 100 0.55 6.61 -10.61
C CYS A 100 1.66 6.99 -11.53
N TYR A 101 1.55 6.55 -12.78
CA TYR A 101 2.57 6.82 -13.77
C TYR A 101 2.71 8.32 -14.07
N MET A 102 1.59 9.04 -14.00
CA MET A 102 1.59 10.45 -14.27
C MET A 102 2.26 11.19 -13.13
N VAL A 103 1.93 10.80 -11.91
CA VAL A 103 2.52 11.42 -10.72
C VAL A 103 4.03 11.14 -10.61
N ILE A 104 4.36 9.85 -10.57
CA ILE A 104 5.73 9.41 -10.43
C ILE A 104 6.65 9.80 -11.57
N TYR A 105 6.43 9.26 -12.76
CA TYR A 105 7.29 9.55 -13.91
C TYR A 105 7.01 10.85 -14.65
N LEU A 106 5.75 11.16 -14.92
CA LEU A 106 5.44 12.43 -15.55
C LEU A 106 5.58 13.34 -14.33
N GLY A 107 5.51 14.66 -14.49
CA GLY A 107 5.63 15.49 -13.31
C GLY A 107 4.31 16.09 -12.87
N ARG A 108 3.23 15.41 -13.23
CA ARG A 108 1.90 15.88 -12.92
C ARG A 108 1.52 15.88 -11.43
N THR A 109 0.49 16.65 -11.10
CA THR A 109 0.01 16.74 -9.74
C THR A 109 -1.11 15.71 -9.55
N PRO A 110 -1.46 15.41 -8.30
CA PRO A 110 -2.53 14.42 -8.06
C PRO A 110 -3.85 14.87 -8.68
N GLU A 111 -4.14 16.17 -8.58
CA GLU A 111 -5.38 16.73 -9.12
C GLU A 111 -5.38 16.77 -10.66
N GLU A 112 -4.25 17.09 -11.25
CA GLU A 112 -4.14 17.15 -12.70
C GLU A 112 -4.31 15.75 -13.29
N ALA A 113 -3.75 14.77 -12.59
CA ALA A 113 -3.85 13.38 -13.01
C ALA A 113 -5.28 12.87 -12.83
N TYR A 114 -5.94 13.30 -11.78
CA TYR A 114 -7.31 12.88 -11.54
C TYR A 114 -8.21 13.52 -12.60
N ARG A 115 -8.00 14.82 -12.83
CA ARG A 115 -8.75 15.58 -13.83
C ARG A 115 -8.75 14.87 -15.18
N ILE A 116 -7.57 14.44 -15.60
CA ILE A 116 -7.43 13.74 -16.85
C ILE A 116 -8.26 12.45 -16.86
N LEU A 117 -8.06 11.59 -15.87
CA LEU A 117 -8.77 10.32 -15.76
C LEU A 117 -10.29 10.40 -15.73
N ILE A 118 -10.82 11.51 -15.26
CA ILE A 118 -12.27 11.66 -15.22
C ILE A 118 -12.78 12.59 -16.32
N PHE A 119 -11.89 13.04 -17.20
CA PHE A 119 -12.28 13.96 -18.26
C PHE A 119 -13.36 13.37 -19.17
N GLY A 120 -13.20 12.09 -19.53
CA GLY A 120 -14.19 11.43 -20.37
C GLY A 120 -15.47 11.27 -19.56
N GLU A 121 -15.43 11.72 -18.31
CA GLU A 121 -16.58 11.65 -17.43
C GLU A 121 -16.83 10.26 -16.84
N THR A 122 -15.79 9.42 -16.79
CA THR A 122 -15.95 8.07 -16.25
C THR A 122 -16.18 8.13 -14.75
N SER A 123 -17.02 7.24 -14.26
CA SER A 123 -17.37 7.17 -12.85
C SER A 123 -16.76 5.91 -12.21
N TYR A 124 -15.62 6.07 -11.54
CA TYR A 124 -14.94 4.94 -10.90
C TYR A 124 -15.45 4.71 -9.49
N ILE A 125 -15.64 3.43 -9.13
CA ILE A 125 -16.07 3.08 -7.79
C ILE A 125 -14.86 3.17 -6.86
N PRO A 126 -15.00 3.85 -5.72
CA PRO A 126 -13.87 3.99 -4.78
C PRO A 126 -13.48 2.66 -4.10
N PHE A 127 -12.20 2.55 -3.70
CA PHE A 127 -11.68 1.34 -3.07
C PHE A 127 -12.25 1.05 -1.70
N ARG A 128 -12.71 -0.19 -1.56
CA ARG A 128 -13.35 -0.71 -0.35
C ARG A 128 -12.28 -1.32 0.59
N ASP A 129 -12.69 -1.67 1.80
CA ASP A 129 -11.76 -2.29 2.76
C ASP A 129 -11.94 -3.81 2.78
N ALA A 130 -11.19 -4.49 3.64
CA ALA A 130 -11.24 -5.95 3.71
C ALA A 130 -12.17 -6.56 4.77
N ALA A 131 -12.92 -5.71 5.47
CA ALA A 131 -13.85 -6.18 6.50
C ALA A 131 -14.90 -7.10 5.89
N TYR A 132 -15.83 -7.56 6.72
CA TYR A 132 -16.93 -8.41 6.26
C TYR A 132 -18.21 -7.59 6.28
N GLY A 133 -18.89 -7.54 5.14
CA GLY A 133 -20.11 -6.76 5.07
C GLY A 133 -19.85 -5.27 4.98
N SER A 134 -20.92 -4.52 4.70
CA SER A 134 -20.90 -3.07 4.56
C SER A 134 -19.62 -2.32 5.00
N CYS A 135 -19.06 -1.55 4.07
CA CYS A 135 -17.87 -0.75 4.31
C CYS A 135 -18.31 0.56 4.95
N ASN A 136 -17.45 1.19 5.73
CA ASN A 136 -17.83 2.45 6.38
C ASN A 136 -16.96 3.63 5.93
N PHE A 137 -16.03 3.35 5.02
CA PHE A 137 -15.12 4.36 4.54
C PHE A 137 -14.55 3.89 3.22
N TYR A 138 -14.33 4.82 2.28
CA TYR A 138 -13.77 4.47 0.98
C TYR A 138 -12.64 5.43 0.65
N ILE A 139 -11.65 4.94 -0.10
CA ILE A 139 -10.54 5.78 -0.51
C ILE A 139 -10.61 5.89 -2.03
N THR A 140 -10.63 7.13 -2.51
CA THR A 140 -10.73 7.43 -3.92
C THR A 140 -9.40 7.39 -4.62
N LEU A 141 -9.42 7.48 -5.94
CA LEU A 141 -8.19 7.49 -6.71
C LEU A 141 -7.36 8.72 -6.34
N LEU A 142 -8.02 9.87 -6.18
CA LEU A 142 -7.31 11.10 -5.81
C LEU A 142 -6.57 10.90 -4.50
N ASP A 143 -7.21 10.19 -3.57
CA ASP A 143 -6.61 9.92 -2.27
C ASP A 143 -5.31 9.13 -2.48
N CYS A 144 -5.34 8.15 -3.39
CA CYS A 144 -4.15 7.34 -3.65
C CYS A 144 -3.07 8.15 -4.36
N PHE A 145 -3.47 9.19 -5.08
CA PHE A 145 -2.52 10.03 -5.82
C PHE A 145 -1.79 10.97 -4.89
N HIS A 146 -2.50 11.45 -3.88
CA HIS A 146 -1.86 12.35 -2.93
C HIS A 146 -0.90 11.52 -2.11
N ALA A 147 -1.34 10.31 -1.76
CA ALA A 147 -0.53 9.38 -0.98
C ALA A 147 0.76 9.07 -1.73
N VAL A 148 0.64 8.75 -3.02
CA VAL A 148 1.81 8.44 -3.83
C VAL A 148 2.73 9.65 -3.96
N LYS A 149 2.16 10.83 -4.14
CA LYS A 149 2.94 12.06 -4.28
C LYS A 149 3.82 12.27 -3.06
N LYS A 150 3.17 12.38 -1.90
CA LYS A 150 3.88 12.60 -0.66
C LYS A 150 4.93 11.55 -0.39
N ALA A 151 4.64 10.30 -0.72
CA ALA A 151 5.61 9.24 -0.51
C ALA A 151 6.88 9.59 -1.28
N MET A 152 6.71 10.26 -2.42
CA MET A 152 7.86 10.64 -3.24
C MET A 152 8.62 11.75 -2.53
N GLN A 153 7.88 12.76 -2.08
CA GLN A 153 8.47 13.88 -1.38
C GLN A 153 9.15 13.46 -0.07
N TYR A 154 8.70 12.34 0.50
CA TYR A 154 9.23 11.85 1.77
C TYR A 154 10.10 10.60 1.68
N GLY A 155 10.63 10.30 0.50
CA GLY A 155 11.46 9.12 0.36
C GLY A 155 10.81 7.79 0.73
N PHE A 156 9.48 7.75 0.79
CA PHE A 156 8.78 6.50 1.10
C PHE A 156 8.79 5.67 -0.17
N LEU A 157 8.84 6.36 -1.31
CA LEU A 157 8.83 5.70 -2.60
C LEU A 157 10.00 6.22 -3.41
N ASN A 158 10.79 5.29 -3.93
CA ASN A 158 11.98 5.61 -4.72
C ASN A 158 12.19 4.44 -5.67
N PHE A 159 11.62 4.53 -6.86
CA PHE A 159 11.76 3.46 -7.83
C PHE A 159 13.17 3.30 -8.37
N ASN A 160 14.09 4.15 -7.89
CA ASN A 160 15.49 4.07 -8.31
C ASN A 160 16.18 2.95 -7.54
N SER A 161 15.81 2.81 -6.27
CA SER A 161 16.40 1.80 -5.39
C SER A 161 15.45 0.62 -5.15
N PHE A 162 14.15 0.85 -5.29
CA PHE A 162 13.16 -0.20 -5.09
C PHE A 162 13.60 -1.55 -5.64
N ASN A 163 13.50 -2.58 -4.81
CA ASN A 163 13.90 -3.92 -5.22
C ASN A 163 12.66 -4.78 -5.40
N LEU A 164 12.29 -5.03 -6.65
CA LEU A 164 11.11 -5.83 -6.95
C LEU A 164 11.22 -7.29 -6.45
N ASP A 165 12.30 -7.98 -6.80
CA ASP A 165 12.47 -9.36 -6.33
C ASP A 165 12.45 -9.50 -4.81
N GLU A 166 12.97 -8.50 -4.10
CA GLU A 166 12.97 -8.56 -2.65
C GLU A 166 11.58 -8.31 -2.10
N TYR A 167 10.86 -7.36 -2.70
CA TYR A 167 9.51 -7.05 -2.27
C TYR A 167 8.63 -8.27 -2.47
N GLU A 168 8.67 -8.83 -3.68
CA GLU A 168 7.84 -9.99 -4.01
C GLU A 168 8.20 -11.26 -3.26
N HIS A 169 9.43 -11.33 -2.79
CA HIS A 169 9.90 -12.50 -2.07
C HIS A 169 9.28 -12.60 -0.67
N TYR A 170 9.41 -11.52 0.11
CA TYR A 170 8.91 -11.50 1.47
C TYR A 170 7.43 -11.25 1.71
N GLU A 171 6.67 -10.90 0.68
CA GLU A 171 5.24 -10.67 0.90
C GLU A 171 4.57 -12.03 0.97
N LYS A 172 5.23 -13.04 0.38
CA LYS A 172 4.72 -14.40 0.36
C LYS A 172 4.69 -14.98 1.76
N ALA A 173 3.63 -15.73 2.04
CA ALA A 173 3.44 -16.37 3.34
C ALA A 173 4.57 -17.36 3.62
N GLU A 174 5.04 -18.02 2.58
CA GLU A 174 6.10 -19.01 2.72
C GLU A 174 7.45 -18.38 3.04
N ASN A 175 7.54 -17.07 2.86
CA ASN A 175 8.79 -16.36 3.14
C ASN A 175 8.64 -15.42 4.34
N GLY A 176 7.50 -15.47 5.01
CA GLY A 176 7.29 -14.61 6.16
C GLY A 176 6.10 -13.67 6.02
N ASP A 177 5.77 -13.32 4.79
CA ASP A 177 4.65 -12.40 4.55
C ASP A 177 4.91 -11.09 5.30
N LEU A 178 5.81 -10.31 4.74
CA LEU A 178 6.20 -9.05 5.35
C LEU A 178 6.33 -7.92 4.31
N ASN A 179 6.11 -6.68 4.74
CA ASN A 179 6.20 -5.53 3.85
C ASN A 179 6.79 -4.31 4.57
N TRP A 180 7.68 -3.60 3.91
CA TRP A 180 8.16 -2.37 4.52
C TRP A 180 7.08 -1.31 4.24
N ILE A 181 6.69 -0.55 5.26
CA ILE A 181 5.70 0.50 5.06
C ILE A 181 6.53 1.74 4.80
N ILE A 182 7.39 2.09 5.75
CA ILE A 182 8.29 3.23 5.57
C ILE A 182 9.70 2.62 5.48
N PRO A 183 10.33 2.72 4.30
CA PRO A 183 11.69 2.18 4.13
C PRO A 183 12.63 2.66 5.20
N ASP A 184 13.41 1.72 5.74
CA ASP A 184 14.38 1.98 6.80
C ASP A 184 13.73 2.31 8.15
N ARG A 185 12.40 2.24 8.23
CA ARG A 185 11.73 2.61 9.46
C ARG A 185 10.61 1.70 9.99
N PHE A 186 9.77 1.16 9.11
CA PHE A 186 8.67 0.28 9.55
C PHE A 186 8.46 -0.98 8.71
N ILE A 187 8.16 -2.09 9.39
CA ILE A 187 7.88 -3.36 8.73
C ILE A 187 6.62 -3.91 9.35
N ALA A 188 5.75 -4.47 8.53
CA ALA A 188 4.53 -5.08 9.03
C ALA A 188 4.60 -6.54 8.61
N PHE A 189 4.36 -7.46 9.55
CA PHE A 189 4.44 -8.86 9.20
C PHE A 189 3.47 -9.68 10.01
N CYS A 190 3.32 -10.94 9.62
CA CYS A 190 2.41 -11.87 10.28
C CYS A 190 2.99 -12.36 11.61
N GLY A 191 2.17 -12.29 12.66
CA GLY A 191 2.61 -12.72 13.97
C GLY A 191 3.22 -14.11 13.94
N PRO A 192 4.42 -14.27 14.53
CA PRO A 192 5.11 -15.57 14.57
C PRO A 192 4.53 -16.46 15.66
N HIS A 193 4.62 -17.76 15.45
CA HIS A 193 4.12 -18.73 16.43
C HIS A 193 5.32 -19.36 17.14
N SER A 194 5.18 -19.66 18.42
CA SER A 194 6.26 -20.29 19.17
C SER A 194 6.44 -21.65 18.51
N ARG A 195 7.54 -21.82 17.78
CA ARG A 195 7.84 -23.05 17.07
C ARG A 195 7.16 -23.01 15.70
N ALA A 196 7.95 -23.09 14.65
CA ALA A 196 7.45 -23.03 13.28
C ALA A 196 6.53 -24.20 12.91
N ARG A 197 6.15 -24.24 11.64
CA ARG A 197 5.28 -25.29 11.11
C ARG A 197 5.16 -25.11 9.59
N LEU A 198 6.28 -24.70 8.99
CA LEU A 198 6.35 -24.48 7.55
C LEU A 198 6.13 -25.80 6.83
N GLU A 199 6.09 -26.88 7.60
CA GLU A 199 5.89 -28.20 7.05
C GLU A 199 4.48 -28.49 6.56
N SER A 200 4.08 -27.78 5.52
CA SER A 200 2.78 -27.97 4.89
C SER A 200 1.56 -27.74 5.78
N GLY A 201 0.41 -27.61 5.12
CA GLY A 201 -0.83 -27.36 5.83
C GLY A 201 -0.91 -25.85 5.95
N TYR A 202 0.06 -25.28 6.66
CA TYR A 202 0.13 -23.84 6.85
C TYR A 202 1.56 -23.42 6.59
N HIS A 203 1.80 -22.12 6.70
CA HIS A 203 3.13 -21.56 6.54
C HIS A 203 3.37 -20.69 7.76
N GLN A 204 3.37 -21.35 8.92
CA GLN A 204 3.58 -20.68 10.20
C GLN A 204 5.07 -20.53 10.46
N HIS A 205 5.47 -19.32 10.84
CA HIS A 205 6.87 -19.07 11.11
C HIS A 205 7.14 -18.80 12.57
N SER A 206 8.33 -19.17 12.99
CA SER A 206 8.78 -18.95 14.35
C SER A 206 9.51 -17.62 14.27
N PRO A 207 9.83 -17.02 15.42
CA PRO A 207 10.54 -15.73 15.43
C PRO A 207 11.93 -15.78 14.77
N GLU A 208 12.50 -16.97 14.69
CA GLU A 208 13.82 -17.16 14.11
C GLU A 208 13.95 -16.77 12.64
N THR A 209 13.00 -17.18 11.81
CA THR A 209 13.07 -16.87 10.38
C THR A 209 13.12 -15.38 10.06
N TYR A 210 12.90 -14.53 11.07
CA TYR A 210 12.89 -13.08 10.86
C TYR A 210 14.15 -12.41 11.40
N ILE A 211 14.77 -13.04 12.38
CA ILE A 211 15.93 -12.48 13.03
C ILE A 211 17.04 -12.00 12.10
N GLN A 212 17.49 -12.85 11.19
CA GLN A 212 18.55 -12.43 10.30
C GLN A 212 18.15 -11.22 9.46
N TYR A 213 16.98 -11.30 8.81
CA TYR A 213 16.49 -10.21 7.98
C TYR A 213 16.43 -8.91 8.80
N PHE A 214 15.82 -8.99 9.98
CA PHE A 214 15.69 -7.84 10.87
C PHE A 214 16.99 -7.12 11.21
N LYS A 215 18.05 -7.89 11.45
CA LYS A 215 19.35 -7.32 11.81
C LYS A 215 20.09 -6.68 10.64
N ASN A 216 20.00 -7.30 9.48
CA ASN A 216 20.67 -6.79 8.30
C ASN A 216 19.99 -5.54 7.77
N HIS A 217 18.81 -5.26 8.30
CA HIS A 217 18.00 -4.12 7.89
C HIS A 217 17.69 -3.26 9.11
N ASN A 218 18.67 -3.18 9.99
CA ASN A 218 18.61 -2.43 11.23
C ASN A 218 17.32 -2.40 12.04
N VAL A 219 16.69 -3.55 12.26
CA VAL A 219 15.48 -3.57 13.08
C VAL A 219 15.96 -3.66 14.52
N THR A 220 15.55 -2.69 15.34
CA THR A 220 15.98 -2.66 16.73
C THR A 220 14.83 -2.74 17.73
N THR A 221 13.60 -2.79 17.23
CA THR A 221 12.41 -2.82 18.10
C THR A 221 11.35 -3.73 17.48
N ILE A 222 10.49 -4.30 18.33
CA ILE A 222 9.44 -5.17 17.85
C ILE A 222 8.22 -4.92 18.73
N ILE A 223 7.05 -4.81 18.11
CA ILE A 223 5.82 -4.55 18.84
C ILE A 223 4.74 -5.57 18.53
N ARG A 224 4.23 -6.22 19.57
CA ARG A 224 3.19 -7.22 19.41
C ARG A 224 1.86 -6.67 19.88
N LEU A 225 0.88 -6.61 18.97
CA LEU A 225 -0.44 -6.07 19.27
C LEU A 225 -1.42 -7.23 19.44
N ASN A 226 -1.01 -8.35 18.88
CA ASN A 226 -1.74 -9.62 18.88
C ASN A 226 -1.66 -10.22 20.30
N LYS A 227 -2.24 -11.41 20.50
CA LYS A 227 -2.15 -12.06 21.80
C LYS A 227 -0.78 -12.74 21.82
N ARG A 228 -0.47 -13.53 22.85
CA ARG A 228 0.84 -14.17 22.92
C ARG A 228 0.94 -15.58 22.34
N MET A 229 1.65 -15.71 21.23
CA MET A 229 1.83 -17.00 20.57
C MET A 229 3.25 -17.51 20.70
N TYR A 230 4.13 -16.67 21.24
CA TYR A 230 5.54 -17.04 21.44
C TYR A 230 6.04 -16.24 22.64
N ASP A 231 7.18 -16.64 23.19
CA ASP A 231 7.73 -15.92 24.33
C ASP A 231 8.64 -14.79 23.85
N ALA A 232 8.46 -13.61 24.44
CA ALA A 232 9.25 -12.44 24.10
C ALA A 232 10.76 -12.72 24.11
N LYS A 233 11.16 -13.66 24.94
CA LYS A 233 12.56 -14.05 25.08
C LYS A 233 13.28 -14.36 23.76
N ARG A 234 12.62 -15.07 22.86
CA ARG A 234 13.21 -15.44 21.58
C ARG A 234 13.62 -14.24 20.72
N PHE A 235 13.02 -13.09 20.98
CA PHE A 235 13.37 -11.88 20.24
C PHE A 235 14.37 -11.06 21.06
N THR A 236 14.11 -10.95 22.35
CA THR A 236 14.98 -10.20 23.24
C THR A 236 16.36 -10.84 23.40
N ASP A 237 16.40 -12.17 23.31
CA ASP A 237 17.65 -12.91 23.44
C ASP A 237 18.56 -12.67 22.24
N ALA A 238 17.99 -12.08 21.19
CA ALA A 238 18.75 -11.77 19.98
C ALA A 238 19.04 -10.28 19.92
N GLY A 239 18.83 -9.60 21.05
CA GLY A 239 19.10 -8.18 21.13
C GLY A 239 18.03 -7.21 20.72
N PHE A 240 16.86 -7.73 20.38
CA PHE A 240 15.75 -6.89 19.97
C PHE A 240 14.96 -6.43 21.18
N ASP A 241 14.61 -5.15 21.20
CA ASP A 241 13.80 -4.59 22.28
C ASP A 241 12.37 -4.99 21.88
N HIS A 242 11.63 -5.58 22.81
CA HIS A 242 10.27 -6.05 22.52
C HIS A 242 9.21 -5.27 23.31
N HIS A 243 7.97 -5.26 22.83
CA HIS A 243 6.89 -4.55 23.51
C HIS A 243 5.56 -5.23 23.22
N ASP A 244 4.68 -5.24 24.20
CA ASP A 244 3.37 -5.84 24.07
C ASP A 244 2.27 -4.81 24.29
N LEU A 245 1.83 -4.17 23.21
CA LEU A 245 0.78 -3.15 23.25
C LEU A 245 -0.58 -3.74 22.87
N PHE A 246 -0.73 -5.06 23.05
CA PHE A 246 -1.97 -5.75 22.72
C PHE A 246 -3.26 -4.96 22.93
N PHE A 247 -4.22 -5.24 22.05
CA PHE A 247 -5.54 -4.64 22.11
C PHE A 247 -6.44 -5.48 21.21
N ALA A 248 -7.66 -5.69 21.68
CA ALA A 248 -8.70 -6.49 21.02
C ALA A 248 -8.64 -6.60 19.50
N ASP A 249 -8.61 -7.83 19.04
CA ASP A 249 -8.57 -8.11 17.60
C ASP A 249 -9.76 -7.45 16.90
N GLY A 250 -9.49 -6.78 15.78
CA GLY A 250 -10.54 -6.13 15.02
C GLY A 250 -11.20 -4.96 15.74
N SER A 251 -10.56 -4.46 16.80
CA SER A 251 -11.10 -3.34 17.55
C SER A 251 -10.17 -2.15 17.38
N THR A 252 -10.48 -1.04 18.04
CA THR A 252 -9.66 0.17 17.93
C THR A 252 -8.74 0.32 19.14
N PRO A 253 -7.63 1.02 18.96
CA PRO A 253 -6.72 1.20 20.09
C PRO A 253 -7.13 2.39 20.96
N THR A 254 -6.97 2.26 22.27
CA THR A 254 -7.30 3.36 23.17
C THR A 254 -6.26 4.45 22.96
N ASP A 255 -6.43 5.60 23.60
CA ASP A 255 -5.47 6.68 23.44
C ASP A 255 -4.20 6.39 24.23
N ALA A 256 -4.32 5.54 25.24
CA ALA A 256 -3.17 5.16 26.04
C ALA A 256 -2.24 4.34 25.16
N ILE A 257 -2.80 3.38 24.43
CA ILE A 257 -2.03 2.51 23.56
C ILE A 257 -1.36 3.31 22.43
N VAL A 258 -2.11 4.22 21.83
CA VAL A 258 -1.58 5.05 20.76
C VAL A 258 -0.42 5.91 21.26
N LYS A 259 -0.61 6.56 22.41
CA LYS A 259 0.44 7.40 22.96
C LYS A 259 1.66 6.58 23.36
N GLU A 260 1.42 5.32 23.71
CA GLU A 260 2.49 4.41 24.10
C GLU A 260 3.19 3.90 22.84
N PHE A 261 2.43 3.65 21.78
CA PHE A 261 2.99 3.19 20.51
C PHE A 261 3.86 4.30 19.93
N LEU A 262 3.31 5.51 19.85
CA LEU A 262 4.06 6.65 19.32
C LEU A 262 5.35 6.87 20.11
N ASP A 263 5.27 6.76 21.45
CA ASP A 263 6.43 6.94 22.30
C ASP A 263 7.56 5.99 21.88
N ILE A 264 7.26 4.69 21.90
CA ILE A 264 8.24 3.69 21.52
C ILE A 264 8.87 4.08 20.19
N CYS A 265 8.06 4.08 19.13
CA CYS A 265 8.54 4.41 17.79
C CYS A 265 9.45 5.64 17.76
N GLU A 266 9.01 6.70 18.43
CA GLU A 266 9.77 7.94 18.48
C GLU A 266 11.15 7.78 19.10
N ASN A 267 11.30 6.82 20.00
CA ASN A 267 12.57 6.59 20.65
C ASN A 267 13.35 5.38 20.18
N ALA A 268 12.76 4.55 19.34
CA ALA A 268 13.47 3.39 18.83
C ALA A 268 14.71 3.94 18.10
N GLU A 269 15.81 3.21 18.12
CA GLU A 269 17.01 3.71 17.46
C GLU A 269 17.27 3.18 16.05
N GLY A 270 16.23 2.69 15.38
CA GLY A 270 16.38 2.20 14.03
C GLY A 270 15.02 1.81 13.48
N ALA A 271 14.97 0.73 12.71
CA ALA A 271 13.69 0.28 12.16
C ALA A 271 12.88 -0.43 13.24
N ILE A 272 11.56 -0.44 13.07
CA ILE A 272 10.66 -1.09 13.99
C ILE A 272 9.88 -2.09 13.17
N ALA A 273 9.64 -3.27 13.72
CA ALA A 273 8.85 -4.29 13.04
C ALA A 273 7.61 -4.40 13.89
N VAL A 274 6.44 -4.31 13.26
CA VAL A 274 5.19 -4.40 14.01
C VAL A 274 4.38 -5.59 13.52
N HIS A 275 3.65 -6.22 14.42
CA HIS A 275 2.85 -7.36 14.02
C HIS A 275 1.68 -7.63 14.95
N CYS A 276 0.62 -8.18 14.35
CA CYS A 276 -0.56 -8.61 15.08
C CYS A 276 -0.75 -10.04 14.57
N LYS A 277 -1.96 -10.55 14.43
CA LYS A 277 -2.06 -11.92 13.93
C LYS A 277 -1.68 -11.99 12.45
N ALA A 278 -2.30 -11.13 11.65
CA ALA A 278 -2.06 -11.08 10.21
C ALA A 278 -1.21 -9.89 9.79
N GLY A 279 -1.08 -8.92 10.70
CA GLY A 279 -0.29 -7.73 10.40
C GLY A 279 -0.98 -6.83 9.39
N LEU A 280 -2.31 -6.81 9.45
CA LEU A 280 -3.12 -6.00 8.54
C LEU A 280 -3.98 -4.99 9.28
N GLY A 281 -4.86 -5.49 10.14
CA GLY A 281 -5.76 -4.64 10.87
C GLY A 281 -5.13 -3.79 11.94
N ARG A 282 -4.91 -4.36 13.11
CA ARG A 282 -4.30 -3.64 14.23
C ARG A 282 -2.94 -3.04 13.86
N THR A 283 -2.12 -3.84 13.18
CA THR A 283 -0.79 -3.41 12.79
C THR A 283 -0.78 -2.14 11.93
N GLY A 284 -1.53 -2.18 10.83
CA GLY A 284 -1.59 -1.04 9.94
C GLY A 284 -2.18 0.19 10.60
N THR A 285 -3.11 -0.02 11.51
CA THR A 285 -3.76 1.08 12.19
C THR A 285 -2.80 1.94 13.00
N LEU A 286 -1.93 1.31 13.78
CA LEU A 286 -0.99 2.07 14.59
C LEU A 286 0.11 2.69 13.74
N ILE A 287 0.59 1.97 12.74
CA ILE A 287 1.62 2.56 11.88
C ILE A 287 1.03 3.81 11.18
N ALA A 288 -0.25 3.72 10.82
CA ALA A 288 -0.94 4.82 10.17
C ALA A 288 -0.92 6.05 11.08
N CYS A 289 -1.20 5.82 12.36
CA CYS A 289 -1.17 6.89 13.36
C CYS A 289 0.19 7.60 13.38
N TYR A 290 1.27 6.82 13.36
CA TYR A 290 2.60 7.40 13.37
C TYR A 290 2.77 8.36 12.18
N ILE A 291 2.29 7.90 11.02
CA ILE A 291 2.40 8.65 9.78
C ILE A 291 1.56 9.95 9.74
N MET A 292 0.32 9.87 10.18
CA MET A 292 -0.51 11.05 10.19
C MET A 292 0.11 12.09 11.11
N LYS A 293 0.71 11.62 12.19
CA LYS A 293 1.32 12.50 13.17
C LYS A 293 2.62 13.15 12.72
N HIS A 294 3.53 12.37 12.16
CA HIS A 294 4.82 12.90 11.75
C HIS A 294 4.93 13.39 10.32
N TYR A 295 4.07 12.91 9.44
CA TYR A 295 4.09 13.35 8.05
C TYR A 295 2.87 14.18 7.71
N ARG A 296 2.02 14.41 8.70
CA ARG A 296 0.82 15.22 8.54
C ARG A 296 -0.06 14.85 7.33
N MET A 297 -0.05 13.57 6.97
CA MET A 297 -0.86 13.10 5.87
C MET A 297 -2.28 12.82 6.40
N THR A 298 -3.26 12.78 5.51
CA THR A 298 -4.64 12.53 5.95
C THR A 298 -4.91 11.03 6.14
N ALA A 299 -5.93 10.73 6.94
CA ALA A 299 -6.28 9.34 7.20
C ALA A 299 -6.42 8.56 5.89
N ALA A 300 -7.04 9.20 4.91
CA ALA A 300 -7.25 8.57 3.62
C ALA A 300 -5.96 8.50 2.82
N GLU A 301 -5.10 9.49 2.96
CA GLU A 301 -3.84 9.46 2.24
C GLU A 301 -2.96 8.38 2.85
N THR A 302 -2.97 8.30 4.17
CA THR A 302 -2.17 7.34 4.89
C THR A 302 -2.66 5.90 4.69
N ILE A 303 -3.97 5.69 4.80
CA ILE A 303 -4.54 4.36 4.59
C ILE A 303 -4.27 3.84 3.17
N ALA A 304 -4.19 4.74 2.21
CA ALA A 304 -3.93 4.33 0.84
C ALA A 304 -2.50 3.88 0.69
N TRP A 305 -1.57 4.64 1.27
CA TRP A 305 -0.16 4.30 1.17
C TRP A 305 0.14 2.94 1.76
N VAL A 306 -0.46 2.69 2.91
CA VAL A 306 -0.30 1.44 3.63
C VAL A 306 -0.82 0.24 2.83
N ARG A 307 -2.05 0.32 2.33
CA ARG A 307 -2.62 -0.76 1.53
C ARG A 307 -1.86 -0.95 0.21
N ILE A 308 -1.22 0.11 -0.28
CA ILE A 308 -0.44 -0.05 -1.50
C ILE A 308 0.79 -0.89 -1.12
N CYS A 309 1.32 -0.64 0.06
CA CYS A 309 2.50 -1.39 0.54
C CYS A 309 2.09 -2.81 0.97
N ARG A 310 1.06 -2.90 1.81
CA ARG A 310 0.58 -4.17 2.32
C ARG A 310 -0.95 -4.19 2.19
N PRO A 311 -1.45 -4.71 1.07
CA PRO A 311 -2.89 -4.79 0.81
C PRO A 311 -3.73 -5.45 1.91
N GLY A 312 -4.82 -4.81 2.30
CA GLY A 312 -5.71 -5.37 3.31
C GLY A 312 -5.62 -4.73 4.67
N SER A 313 -4.69 -3.79 4.83
CA SER A 313 -4.49 -3.14 6.12
C SER A 313 -5.60 -2.18 6.52
N VAL A 314 -5.77 -1.99 7.84
CA VAL A 314 -6.82 -1.15 8.39
C VAL A 314 -8.15 -1.76 7.96
N ILE A 315 -8.98 -2.12 8.93
CA ILE A 315 -10.23 -2.79 8.65
C ILE A 315 -11.39 -2.28 9.48
N GLY A 316 -12.58 -2.29 8.88
CA GLY A 316 -13.78 -1.84 9.55
C GLY A 316 -13.61 -0.62 10.44
N PRO A 317 -13.96 -0.74 11.73
CA PRO A 317 -13.87 0.36 12.70
C PRO A 317 -12.54 1.09 12.67
N GLN A 318 -11.47 0.36 12.39
CA GLN A 318 -10.15 0.97 12.36
C GLN A 318 -10.10 2.17 11.43
N GLN A 319 -10.86 2.11 10.34
CA GLN A 319 -10.91 3.22 9.39
C GLN A 319 -11.57 4.43 10.03
N GLN A 320 -12.67 4.21 10.73
CA GLN A 320 -13.34 5.33 11.38
C GLN A 320 -12.44 5.92 12.44
N PHE A 321 -11.66 5.06 13.07
CA PHE A 321 -10.75 5.49 14.12
C PHE A 321 -9.74 6.53 13.62
N LEU A 322 -9.04 6.19 12.54
CA LEU A 322 -8.03 7.10 11.98
C LEU A 322 -8.63 8.42 11.52
N VAL A 323 -9.67 8.33 10.71
CA VAL A 323 -10.40 9.47 10.20
C VAL A 323 -10.77 10.40 11.36
N MET A 324 -11.27 9.83 12.45
CA MET A 324 -11.65 10.62 13.61
C MET A 324 -10.45 11.27 14.31
N LYS A 325 -9.36 10.50 14.46
CA LYS A 325 -8.15 10.98 15.13
C LYS A 325 -7.26 11.95 14.38
N GLN A 326 -7.41 12.01 13.05
CA GLN A 326 -6.60 12.88 12.20
C GLN A 326 -6.24 14.27 12.74
N THR A 327 -7.25 15.05 13.10
CA THR A 327 -7.01 16.40 13.59
C THR A 327 -6.13 16.42 14.83
N ASN A 328 -6.31 15.42 15.67
CA ASN A 328 -5.54 15.34 16.91
C ASN A 328 -4.08 14.99 16.66
N LEU A 329 -3.85 13.95 15.86
CA LEU A 329 -2.49 13.56 15.57
C LEU A 329 -1.78 14.67 14.83
N TRP A 330 -2.50 15.35 13.96
CA TRP A 330 -1.89 16.46 13.21
C TRP A 330 -1.36 17.50 14.19
N LEU A 331 -2.22 17.88 15.13
CA LEU A 331 -1.88 18.87 16.14
C LEU A 331 -0.73 18.43 17.06
N GLU A 332 -0.72 17.15 17.44
CA GLU A 332 0.34 16.63 18.28
C GLU A 332 1.65 16.70 17.52
N GLY A 333 1.62 16.25 16.28
CA GLY A 333 2.82 16.28 15.47
C GLY A 333 3.30 17.71 15.28
N ASP A 334 2.40 18.68 15.37
CA ASP A 334 2.77 20.08 15.21
C ASP A 334 3.61 20.52 16.40
N TYR A 335 3.14 20.19 17.59
CA TYR A 335 3.84 20.53 18.81
C TYR A 335 5.16 19.79 18.86
N PHE A 336 5.14 18.53 18.45
CA PHE A 336 6.33 17.69 18.44
C PHE A 336 7.47 18.36 17.68
N ARG A 337 7.23 18.62 16.40
CA ARG A 337 8.22 19.25 15.53
C ARG A 337 8.76 20.56 16.07
N GLN A 338 7.89 21.34 16.72
CA GLN A 338 8.26 22.63 17.28
C GLN A 338 9.10 22.56 18.55
N LYS A 339 8.75 21.64 19.44
CA LYS A 339 9.50 21.47 20.68
C LYS A 339 10.94 21.10 20.33
N LEU A 340 11.11 20.34 19.26
CA LEU A 340 12.44 19.93 18.82
C LEU A 340 13.22 21.08 18.18
N LYS A 341 12.50 22.04 17.60
CA LYS A 341 13.15 23.19 16.96
C LYS A 341 13.77 24.11 18.01
W WO4 B . -5.26 -8.45 12.26
O1 WO4 B . -4.92 -7.30 13.29
O2 WO4 B . -6.82 -8.39 11.91
O3 WO4 B . -4.95 -9.87 12.92
O4 WO4 B . -4.39 -8.32 10.94
#